data_2GKL
#
_entry.id   2GKL
#
_cell.length_a   42.638
_cell.length_b   101.211
_cell.length_c   117.121
_cell.angle_alpha   90.00
_cell.angle_beta   90.00
_cell.angle_gamma   90.00
#
_symmetry.space_group_name_H-M   'C 2 2 21'
#
loop_
_entity.id
_entity.type
_entity.pdbx_description
1 polymer Beta-lactamase
2 non-polymer 'ZINC ION'
3 non-polymer 'PYRIDINE-2,4-DICARBOXYLIC ACID'
4 non-polymer GLYCEROL
5 water water
#
_entity_poly.entity_id   1
_entity_poly.type   'polypeptide(L)'
_entity_poly.pdbx_seq_one_letter_code
;AGMSLTQVSGPVYVVEDNYYVQENSMVYFGAKGVTVVGATWTPDTARELHKLIKRVSRKPVLEVINTNYHTDRAGGNAYW
KSIGAKVVSTRQTRDLMKSDWAEIVAFTRKGLPEYPDLPLVLPNVVHDGDFTLQEGKVRAFYAGPAHTPDGIFVYFPDEQ
VLYGNCILKEKLGNLSFADVKAYPQTLERLKAMKLPIKTVIGGHDSPLHGPELIDHYEALIKAAPQS
;
_entity_poly.pdbx_strand_id   A
#
loop_
_chem_comp.id
_chem_comp.type
_chem_comp.name
_chem_comp.formula
GOL non-polymer GLYCEROL 'C3 H8 O3'
PD2 non-polymer 'PYRIDINE-2,4-DICARBOXYLIC ACID' 'C7 H5 N O4'
ZN non-polymer 'ZINC ION' 'Zn 2'
#
# COMPACT_ATOMS: atom_id res chain seq x y z
N ALA A 1 10.15 18.04 0.23
CA ALA A 1 8.75 18.30 0.70
C ALA A 1 8.35 17.22 1.71
N GLY A 2 7.32 17.48 2.52
CA GLY A 2 6.73 16.46 3.41
C GLY A 2 6.24 15.25 2.63
N MET A 3 5.72 15.51 1.43
CA MET A 3 5.24 14.45 0.55
C MET A 3 5.44 14.87 -0.88
N SER A 4 5.78 13.90 -1.74
CA SER A 4 5.93 14.15 -3.17
C SER A 4 5.08 13.14 -3.95
N LEU A 5 4.67 13.57 -5.13
CA LEU A 5 3.88 12.76 -6.01
C LEU A 5 4.55 12.90 -7.37
N THR A 6 5.07 11.79 -7.88
CA THR A 6 5.91 11.80 -9.05
C THR A 6 5.54 10.66 -10.02
N GLN A 7 5.41 10.98 -11.30
CA GLN A 7 5.17 10.01 -12.35
C GLN A 7 6.29 8.99 -12.46
N VAL A 8 5.90 7.72 -12.50
CA VAL A 8 6.84 6.66 -12.80
C VAL A 8 6.67 6.17 -14.23
N SER A 9 5.43 5.99 -14.68
CA SER A 9 5.16 5.60 -16.05
C SER A 9 3.72 5.93 -16.38
N GLY A 10 3.51 6.72 -17.42
CA GLY A 10 2.17 7.09 -17.86
C GLY A 10 1.28 7.59 -16.72
N PRO A 11 0.12 6.92 -16.48
CA PRO A 11 -0.81 7.32 -15.43
C PRO A 11 -0.43 6.85 -14.02
N VAL A 12 0.71 6.17 -13.90
CA VAL A 12 1.15 5.55 -12.66
C VAL A 12 2.16 6.48 -11.98
N TYR A 13 1.81 6.92 -10.77
CA TYR A 13 2.61 7.83 -9.97
C TYR A 13 2.97 7.20 -8.63
N VAL A 14 4.10 7.65 -8.08
CA VAL A 14 4.60 7.18 -6.79
C VAL A 14 4.44 8.31 -5.79
N VAL A 15 3.94 7.96 -4.60
CA VAL A 15 3.80 8.88 -3.50
C VAL A 15 4.94 8.59 -2.49
N GLU A 16 5.81 9.55 -2.23
CA GLU A 16 6.76 9.42 -1.13
C GLU A 16 6.25 10.25 0.04
N ASP A 17 5.85 9.56 1.09
CA ASP A 17 5.22 10.15 2.25
C ASP A 17 6.30 10.13 3.33
N ASN A 18 6.90 11.30 3.58
CA ASN A 18 8.05 11.40 4.49
C ASN A 18 7.67 11.62 5.96
N TYR A 19 6.38 11.63 6.24
CA TYR A 19 5.87 11.67 7.61
C TYR A 19 6.22 10.39 8.35
N TYR A 20 6.51 10.55 9.64
CA TYR A 20 6.78 9.45 10.54
C TYR A 20 7.92 8.62 10.01
N VAL A 21 7.86 7.15 9.81
CA VAL A 21 8.78 6.35 9.04
C VAL A 21 8.33 6.47 7.58
N GLN A 22 9.18 6.99 6.71
CA GLN A 22 8.81 7.15 5.29
C GLN A 22 8.08 5.94 4.77
N GLU A 23 6.91 6.18 4.15
CA GLU A 23 6.19 5.12 3.46
C GLU A 23 5.91 5.58 2.03
N ASN A 24 5.94 4.65 1.10
CA ASN A 24 5.63 4.97 -0.29
C ASN A 24 4.34 4.29 -0.70
N SER A 25 3.50 5.05 -1.37
CA SER A 25 2.20 4.61 -1.84
C SER A 25 2.10 4.97 -3.32
N MET A 26 0.96 4.74 -3.94
CA MET A 26 0.87 5.01 -5.38
C MET A 26 -0.45 5.65 -5.74
N VAL A 27 -0.48 6.24 -6.94
CA VAL A 27 -1.69 6.87 -7.48
C VAL A 27 -1.78 6.56 -8.97
N TYR A 28 -2.98 6.22 -9.42
CA TYR A 28 -3.27 5.90 -10.84
C TYR A 28 -4.32 6.90 -11.32
N PHE A 29 -3.96 7.70 -12.31
CA PHE A 29 -4.87 8.70 -12.88
C PHE A 29 -5.60 8.06 -14.07
N GLY A 30 -6.84 7.65 -13.83
CA GLY A 30 -7.62 6.94 -14.83
C GLY A 30 -8.51 7.86 -15.64
N ALA A 31 -9.27 7.27 -16.55
CA ALA A 31 -10.13 8.06 -17.44
C ALA A 31 -11.27 8.71 -16.68
N LYS A 32 -11.84 7.99 -15.72
CA LYS A 32 -13.01 8.48 -14.97
C LYS A 32 -12.62 9.09 -13.64
N GLY A 33 -11.44 8.78 -13.16
CA GLY A 33 -11.06 9.26 -11.86
C GLY A 33 -9.79 8.59 -11.38
N VAL A 34 -9.45 8.92 -10.14
CA VAL A 34 -8.15 8.59 -9.55
C VAL A 34 -8.31 7.43 -8.56
N THR A 35 -7.39 6.45 -8.63
CA THR A 35 -7.30 5.38 -7.65
C THR A 35 -6.05 5.61 -6.80
N VAL A 36 -6.20 5.61 -5.49
CA VAL A 36 -5.04 5.76 -4.58
C VAL A 36 -4.74 4.37 -4.02
N VAL A 37 -3.48 3.98 -4.06
CA VAL A 37 -3.04 2.69 -3.59
C VAL A 37 -2.24 2.90 -2.32
N GLY A 38 -2.86 2.63 -1.17
CA GLY A 38 -2.31 2.95 0.14
C GLY A 38 -2.85 4.28 0.61
N ALA A 39 -3.53 4.27 1.75
CA ALA A 39 -4.25 5.46 2.25
C ALA A 39 -3.36 6.52 2.88
N THR A 40 -2.08 6.21 3.03
CA THR A 40 -1.07 7.04 3.75
C THR A 40 -1.29 7.02 5.26
N TRP A 41 -0.35 7.61 6.00
CA TRP A 41 -0.29 7.47 7.45
C TRP A 41 -1.45 8.00 8.29
N THR A 42 -1.96 9.19 7.95
CA THR A 42 -3.01 9.81 8.75
C THR A 42 -4.02 10.56 7.88
N PRO A 43 -5.16 10.96 8.46
CA PRO A 43 -6.04 11.86 7.72
C PRO A 43 -5.31 13.13 7.21
N ASP A 44 -4.36 13.65 7.98
CA ASP A 44 -3.57 14.81 7.56
C ASP A 44 -2.67 14.51 6.35
N THR A 45 -1.99 13.37 6.37
CA THR A 45 -1.14 13.03 5.22
C THR A 45 -2.01 12.75 3.99
N ALA A 46 -3.18 12.18 4.20
CA ALA A 46 -4.11 11.92 3.09
C ALA A 46 -4.55 13.24 2.46
N ARG A 47 -4.88 14.22 3.30
CA ARG A 47 -5.24 15.55 2.82
C ARG A 47 -4.08 16.16 2.01
N GLU A 48 -2.85 15.99 2.51
CA GLU A 48 -1.67 16.46 1.75
C GLU A 48 -1.51 15.81 0.38
N LEU A 49 -1.73 14.50 0.33
CA LEU A 49 -1.74 13.79 -0.96
C LEU A 49 -2.86 14.29 -1.90
N HIS A 50 -4.06 14.49 -1.35
CA HIS A 50 -5.16 14.99 -2.17
C HIS A 50 -4.83 16.35 -2.80
N LYS A 51 -4.20 17.22 -2.02
CA LYS A 51 -3.76 18.51 -2.51
C LYS A 51 -2.82 18.36 -3.72
N LEU A 52 -1.88 17.42 -3.64
CA LEU A 52 -0.99 17.13 -4.77
C LEU A 52 -1.74 16.57 -5.97
N ILE A 53 -2.69 15.68 -5.70
CA ILE A 53 -3.52 15.09 -6.75
C ILE A 53 -4.29 16.17 -7.54
N LYS A 54 -4.89 17.11 -6.81
CA LYS A 54 -5.69 18.21 -7.44
C LYS A 54 -4.85 19.21 -8.29
N ARG A 55 -3.44 19.23 -8.12
CA ARG A 55 -2.59 19.98 -9.06
C ARG A 55 -2.37 19.21 -10.37
N VAL A 56 -2.67 17.92 -10.38
CA VAL A 56 -2.49 17.04 -11.55
C VAL A 56 -3.77 16.79 -12.33
N SER A 57 -4.88 16.61 -11.63
CA SER A 57 -6.13 16.24 -12.28
C SER A 57 -7.33 16.81 -11.55
N ARG A 58 -8.37 17.18 -12.29
CA ARG A 58 -9.62 17.62 -11.69
C ARG A 58 -10.57 16.44 -11.44
N LYS A 59 -10.16 15.24 -11.84
CA LYS A 59 -11.07 14.12 -11.75
C LYS A 59 -11.15 13.57 -10.34
N PRO A 60 -12.52 13.02 -9.92
CA PRO A 60 -12.66 12.65 -8.52
C PRO A 60 -11.70 11.54 -8.08
N VAL A 61 -11.35 11.55 -6.80
CA VAL A 61 -10.71 10.39 -6.21
C VAL A 61 -11.81 9.35 -5.99
N LEU A 62 -11.74 8.28 -6.76
CA LEU A 62 -12.81 7.28 -6.79
C LEU A 62 -12.71 6.31 -5.61
N GLU A 63 -11.48 5.87 -5.35
CA GLU A 63 -11.25 4.84 -4.34
C GLU A 63 -9.81 4.83 -3.84
N VAL A 64 -9.63 4.28 -2.64
CA VAL A 64 -8.33 4.14 -2.02
C VAL A 64 -8.25 2.69 -1.54
N ILE A 65 -7.14 2.02 -1.84
CA ILE A 65 -6.97 0.61 -1.45
C ILE A 65 -6.12 0.51 -0.20
N ASN A 66 -6.63 -0.16 0.85
CA ASN A 66 -5.84 -0.50 2.03
C ASN A 66 -5.18 -1.82 1.73
N THR A 67 -3.89 -1.77 1.41
CA THR A 67 -3.13 -2.96 0.99
C THR A 67 -2.75 -3.88 2.17
N ASN A 68 -2.91 -3.37 3.39
CA ASN A 68 -3.00 -4.21 4.59
C ASN A 68 -3.81 -3.45 5.64
N TYR A 69 -3.96 -4.00 6.83
CA TYR A 69 -4.77 -3.34 7.89
C TYR A 69 -4.00 -2.38 8.77
N HIS A 70 -2.73 -2.14 8.44
CA HIS A 70 -1.86 -1.31 9.27
C HIS A 70 -2.02 0.19 9.06
N THR A 71 -1.49 0.94 10.02
CA THR A 71 -1.60 2.37 10.07
C THR A 71 -0.97 3.06 8.85
N ASP A 72 0.13 2.51 8.35
CA ASP A 72 0.79 3.13 7.18
C ASP A 72 0.05 2.93 5.85
N ARG A 73 -0.89 2.00 5.81
CA ARG A 73 -1.73 1.72 4.62
C ARG A 73 -3.21 2.10 4.75
N ALA A 74 -3.67 2.32 5.98
CA ALA A 74 -5.06 2.64 6.26
C ALA A 74 -5.28 3.89 7.12
N GLY A 75 -4.22 4.53 7.59
CA GLY A 75 -4.39 5.66 8.49
C GLY A 75 -5.14 6.85 7.91
N GLY A 76 -5.02 7.02 6.60
CA GLY A 76 -5.72 8.11 5.94
C GLY A 76 -7.22 7.92 5.71
N ASN A 77 -7.76 6.77 6.06
CA ASN A 77 -9.14 6.41 5.70
C ASN A 77 -10.22 7.43 6.06
N ALA A 78 -10.12 8.04 7.25
CA ALA A 78 -11.12 9.03 7.66
C ALA A 78 -11.26 10.13 6.61
N TYR A 79 -10.13 10.58 6.07
CA TYR A 79 -10.12 11.69 5.11
C TYR A 79 -10.76 11.23 3.80
N TRP A 80 -10.27 10.09 3.31
CA TRP A 80 -10.81 9.55 2.06
C TRP A 80 -12.33 9.31 2.14
N LYS A 81 -12.80 8.75 3.25
CA LYS A 81 -14.24 8.57 3.40
C LYS A 81 -14.93 9.94 3.37
N SER A 82 -14.32 10.91 4.04
CA SER A 82 -14.94 12.22 4.16
C SER A 82 -15.16 12.95 2.82
N ILE A 83 -14.32 12.66 1.82
CA ILE A 83 -14.45 13.28 0.50
C ILE A 83 -15.20 12.36 -0.44
N GLY A 84 -15.88 11.14 0.03
CA GLY A 84 -16.77 10.33 -0.81
C GLY A 84 -16.00 9.28 -1.60
N ALA A 85 -14.69 9.12 -1.37
CA ALA A 85 -13.94 8.02 -2.00
C ALA A 85 -14.30 6.71 -1.33
N LYS A 86 -14.37 5.65 -2.12
CA LYS A 86 -14.52 4.30 -1.57
C LYS A 86 -13.23 3.90 -0.89
N VAL A 87 -13.33 3.11 0.17
CA VAL A 87 -12.15 2.54 0.83
C VAL A 87 -12.24 1.04 0.61
N VAL A 88 -11.22 0.50 -0.04
CA VAL A 88 -11.31 -0.81 -0.66
C VAL A 88 -10.29 -1.74 -0.01
N SER A 89 -10.71 -2.95 0.32
CA SER A 89 -9.77 -3.97 0.81
C SER A 89 -10.30 -5.36 0.54
N THR A 90 -9.45 -6.35 0.83
CA THR A 90 -9.89 -7.73 0.89
C THR A 90 -10.69 -7.93 2.17
N ARG A 91 -11.50 -8.99 2.19
CA ARG A 91 -12.25 -9.30 3.42
C ARG A 91 -11.30 -9.58 4.59
N GLN A 92 -10.22 -10.31 4.32
CA GLN A 92 -9.22 -10.60 5.36
C GLN A 92 -8.66 -9.32 5.99
N THR A 93 -8.25 -8.36 5.16
CA THR A 93 -7.75 -7.07 5.67
C THR A 93 -8.79 -6.33 6.52
N ARG A 94 -10.05 -6.29 6.04
CA ARG A 94 -11.14 -5.65 6.78
C ARG A 94 -11.33 -6.29 8.16
N ASP A 95 -11.37 -7.61 8.18
CA ASP A 95 -11.60 -8.38 9.41
C ASP A 95 -10.48 -8.19 10.42
N LEU A 96 -9.24 -8.27 9.97
CA LEU A 96 -8.07 -7.97 10.82
C LEU A 96 -8.07 -6.52 11.27
N MET A 97 -8.46 -5.59 10.42
CA MET A 97 -8.56 -4.21 10.85
C MET A 97 -9.60 -4.07 11.98
N LYS A 98 -10.77 -4.68 11.82
CA LYS A 98 -11.79 -4.57 12.86
C LYS A 98 -11.28 -5.08 14.21
N SER A 99 -10.60 -6.22 14.19
CA SER A 99 -10.20 -6.86 15.42
C SER A 99 -8.92 -6.24 16.00
N ASP A 100 -8.02 -5.76 15.14
CA ASP A 100 -6.65 -5.41 15.57
C ASP A 100 -6.25 -3.93 15.41
N TRP A 101 -7.16 -3.07 14.96
CA TRP A 101 -6.78 -1.68 14.72
C TRP A 101 -6.22 -1.04 16.00
N ALA A 102 -6.94 -1.18 17.10
CA ALA A 102 -6.48 -0.62 18.36
C ALA A 102 -5.05 -1.04 18.68
N GLU A 103 -4.76 -2.32 18.50
CA GLU A 103 -3.43 -2.85 18.75
C GLU A 103 -2.37 -2.25 17.80
N ILE A 104 -2.64 -2.16 16.50
CA ILE A 104 -1.64 -1.57 15.59
C ILE A 104 -1.42 -0.06 15.85
N VAL A 105 -2.47 0.65 16.24
CA VAL A 105 -2.33 2.06 16.58
C VAL A 105 -1.42 2.19 17.80
N ALA A 106 -1.68 1.37 18.81
CA ALA A 106 -0.89 1.34 20.03
C ALA A 106 0.57 1.03 19.72
N PHE A 107 0.78 0.03 18.86
CA PHE A 107 2.11 -0.38 18.47
C PHE A 107 2.83 0.74 17.71
N THR A 108 2.10 1.39 16.81
CA THR A 108 2.67 2.50 16.07
C THR A 108 3.11 3.61 17.02
N ARG A 109 2.31 3.88 18.03
CA ARG A 109 2.58 4.97 18.95
C ARG A 109 3.72 4.65 19.92
N LYS A 110 4.03 3.37 20.07
CA LYS A 110 5.17 3.00 20.91
C LYS A 110 6.44 3.58 20.36
N GLY A 111 6.64 3.46 19.06
CA GLY A 111 7.84 3.98 18.40
C GLY A 111 7.70 5.43 17.94
N LEU A 112 6.44 5.85 17.73
CA LEU A 112 6.09 7.17 17.23
C LEU A 112 5.01 7.79 18.12
N PRO A 113 5.39 8.24 19.34
CA PRO A 113 4.41 8.79 20.27
C PRO A 113 3.62 9.98 19.68
N GLU A 114 4.24 10.72 18.76
CA GLU A 114 3.62 11.84 18.05
C GLU A 114 2.45 11.42 17.12
N TYR A 115 2.38 10.12 16.78
CA TYR A 115 1.34 9.61 15.87
C TYR A 115 -0.03 9.69 16.56
N PRO A 116 -1.08 10.16 15.84
CA PRO A 116 -2.39 10.30 16.48
C PRO A 116 -3.08 9.00 16.88
N ASP A 117 -3.93 9.09 17.90
CA ASP A 117 -4.75 7.98 18.37
C ASP A 117 -5.98 7.88 17.50
N LEU A 118 -5.80 7.37 16.29
CA LEU A 118 -6.87 7.35 15.30
C LEU A 118 -7.96 6.31 15.57
N PRO A 119 -9.22 6.73 15.50
CA PRO A 119 -10.29 5.76 15.59
C PRO A 119 -10.33 4.89 14.36
N LEU A 120 -10.87 3.69 14.55
CA LEU A 120 -11.15 2.76 13.48
C LEU A 120 -12.02 3.37 12.38
N VAL A 121 -11.58 3.20 11.14
CA VAL A 121 -12.37 3.54 9.94
C VAL A 121 -12.21 2.37 8.97
N LEU A 122 -13.26 1.58 8.81
CA LEU A 122 -13.20 0.37 7.99
C LEU A 122 -13.43 0.63 6.52
N PRO A 123 -12.87 -0.26 5.67
CA PRO A 123 -13.20 -0.27 4.25
C PRO A 123 -14.70 -0.44 4.07
N ASN A 124 -15.26 0.26 3.09
CA ASN A 124 -16.66 0.06 2.72
C ASN A 124 -16.88 -0.66 1.40
N VAL A 125 -15.80 -1.07 0.76
CA VAL A 125 -15.85 -1.94 -0.40
C VAL A 125 -14.90 -3.09 -0.13
N VAL A 126 -15.45 -4.29 0.06
CA VAL A 126 -14.67 -5.43 0.58
C VAL A 126 -14.72 -6.57 -0.44
N HIS A 127 -13.57 -7.08 -0.84
CA HIS A 127 -13.49 -8.14 -1.84
C HIS A 127 -13.17 -9.50 -1.24
N ASP A 128 -13.90 -10.54 -1.67
CA ASP A 128 -13.61 -11.90 -1.21
C ASP A 128 -12.43 -12.54 -1.86
N GLY A 129 -11.97 -11.98 -2.98
CA GLY A 129 -10.87 -12.54 -3.74
C GLY A 129 -9.94 -11.45 -4.24
N ASP A 130 -9.17 -11.80 -5.25
CA ASP A 130 -8.41 -10.82 -5.98
C ASP A 130 -9.39 -9.93 -6.76
N PHE A 131 -8.95 -8.73 -7.12
CA PHE A 131 -9.85 -7.79 -7.74
C PHE A 131 -9.09 -6.78 -8.57
N THR A 132 -9.81 -6.13 -9.49
CA THR A 132 -9.21 -5.14 -10.35
C THR A 132 -10.01 -3.84 -10.32
N LEU A 133 -9.35 -2.78 -10.74
CA LEU A 133 -9.96 -1.46 -10.87
C LEU A 133 -9.46 -0.84 -12.17
N GLN A 134 -10.03 0.30 -12.54
CA GLN A 134 -9.57 1.03 -13.73
C GLN A 134 -9.56 0.16 -14.99
N GLU A 135 -10.70 -0.49 -15.24
CA GLU A 135 -10.87 -1.32 -16.44
C GLU A 135 -9.77 -2.37 -16.55
N GLY A 136 -9.44 -2.99 -15.42
CA GLY A 136 -8.43 -4.04 -15.38
C GLY A 136 -6.97 -3.59 -15.36
N LYS A 137 -6.72 -2.29 -15.29
CA LYS A 137 -5.37 -1.74 -15.35
C LYS A 137 -4.73 -1.56 -13.98
N VAL A 138 -5.52 -1.78 -12.92
CA VAL A 138 -4.98 -1.88 -11.56
C VAL A 138 -5.44 -3.22 -10.98
N ARG A 139 -4.49 -4.09 -10.66
CA ARG A 139 -4.80 -5.48 -10.35
C ARG A 139 -4.29 -5.87 -8.97
N ALA A 140 -5.21 -6.07 -8.03
CA ALA A 140 -4.88 -6.41 -6.65
C ALA A 140 -4.98 -7.91 -6.40
N PHE A 141 -3.94 -8.48 -5.81
CA PHE A 141 -3.95 -9.91 -5.49
C PHE A 141 -3.20 -10.32 -4.22
N TYR A 142 -3.65 -11.44 -3.69
CA TYR A 142 -3.07 -12.07 -2.50
C TYR A 142 -2.22 -13.22 -2.96
N ALA A 143 -0.99 -13.31 -2.45
CA ALA A 143 -0.12 -14.44 -2.76
C ALA A 143 0.40 -15.13 -1.50
N GLY A 144 -0.27 -14.91 -0.38
CA GLY A 144 0.11 -15.50 0.90
C GLY A 144 0.59 -14.48 1.93
N PRO A 145 0.82 -14.95 3.17
CA PRO A 145 1.25 -14.09 4.29
C PRO A 145 2.73 -13.73 4.17
N ALA A 146 3.08 -12.55 4.68
CA ALA A 146 4.47 -12.10 4.67
C ALA A 146 4.70 -11.13 5.84
N HIS A 147 4.75 -9.83 5.53
CA HIS A 147 4.95 -8.80 6.55
C HIS A 147 3.76 -8.76 7.53
N THR A 148 2.55 -8.99 7.01
CA THR A 148 1.37 -9.32 7.80
C THR A 148 0.68 -10.53 7.14
N PRO A 149 -0.35 -11.09 7.79
CA PRO A 149 -1.04 -12.22 7.14
C PRO A 149 -1.79 -11.87 5.85
N ASP A 150 -2.16 -10.61 5.71
CA ASP A 150 -3.19 -10.17 4.74
C ASP A 150 -2.65 -9.29 3.60
N GLY A 151 -1.40 -8.84 3.68
CA GLY A 151 -0.87 -7.90 2.71
C GLY A 151 -1.02 -8.36 1.27
N ILE A 152 -1.48 -7.45 0.42
CA ILE A 152 -1.68 -7.73 -0.99
C ILE A 152 -0.68 -6.98 -1.88
N PHE A 153 -0.50 -7.48 -3.09
CA PHE A 153 0.26 -6.81 -4.11
C PHE A 153 -0.70 -6.10 -5.05
N VAL A 154 -0.22 -5.02 -5.66
CA VAL A 154 -0.97 -4.35 -6.72
C VAL A 154 -0.06 -4.24 -7.94
N TYR A 155 -0.59 -4.67 -9.08
CA TYR A 155 0.15 -4.75 -10.32
C TYR A 155 -0.54 -3.89 -11.38
N PHE A 156 0.29 -3.21 -12.16
CA PHE A 156 -0.12 -2.29 -13.21
C PHE A 156 0.39 -2.81 -14.54
N PRO A 157 -0.50 -3.74 -15.28
CA PRO A 157 0.01 -4.51 -16.43
C PRO A 157 0.56 -3.65 -17.57
N ASP A 158 -0.06 -2.52 -17.85
CA ASP A 158 0.35 -1.69 -19.01
C ASP A 158 1.76 -1.12 -18.79
N GLU A 159 2.04 -0.69 -17.57
CA GLU A 159 3.32 -0.04 -17.25
C GLU A 159 4.30 -1.04 -16.68
N GLN A 160 3.93 -2.42 -16.34
CA GLN A 160 4.80 -3.46 -15.76
C GLN A 160 5.41 -2.91 -14.48
N VAL A 161 4.55 -2.34 -13.64
CA VAL A 161 4.92 -1.83 -12.32
C VAL A 161 4.22 -2.68 -11.24
N LEU A 162 5.00 -3.16 -10.28
CA LEU A 162 4.47 -3.89 -9.13
C LEU A 162 4.63 -3.02 -7.90
N TYR A 163 3.53 -2.76 -7.19
CA TYR A 163 3.59 -2.12 -5.89
C TYR A 163 3.92 -3.13 -4.83
N GLY A 164 5.00 -2.87 -4.10
CA GLY A 164 5.49 -3.80 -3.10
C GLY A 164 4.84 -3.74 -1.73
N ASN A 165 4.06 -2.69 -1.45
CA ASN A 165 3.37 -2.62 -0.16
C ASN A 165 4.46 -2.64 0.95
N CYS A 166 4.09 -2.97 2.18
CA CYS A 166 5.07 -3.25 3.23
C CYS A 166 5.89 -4.51 2.97
N ILE A 167 5.56 -5.25 1.91
CA ILE A 167 6.16 -6.55 1.66
C ILE A 167 7.59 -6.44 1.09
N LEU A 168 7.78 -5.51 0.16
CA LEU A 168 9.05 -5.36 -0.53
C LEU A 168 9.58 -3.97 -0.25
N LYS A 169 10.87 -3.92 0.09
CA LYS A 169 11.51 -2.70 0.59
C LYS A 169 12.99 -3.02 0.72
N GLU A 170 13.80 -2.03 1.08
CA GLU A 170 15.28 -2.20 1.07
C GLU A 170 15.79 -2.78 2.35
N LYS A 171 15.29 -2.26 3.46
CA LYS A 171 15.70 -2.74 4.75
C LYS A 171 14.72 -3.82 5.20
N LEU A 172 15.16 -4.72 6.36
CA LEU A 172 14.31 -5.76 6.93
C LEU A 172 12.99 -5.16 7.39
N GLY A 173 13.06 -4.01 8.06
CA GLY A 173 11.88 -3.34 8.57
C GLY A 173 11.29 -4.05 9.76
N ASN A 174 10.00 -3.86 9.99
CA ASN A 174 9.37 -4.41 11.17
C ASN A 174 8.81 -5.82 10.96
N LEU A 175 9.20 -6.77 11.82
CA LEU A 175 8.81 -8.19 11.68
C LEU A 175 7.87 -8.67 12.79
N SER A 176 7.40 -7.75 13.64
CA SER A 176 6.52 -8.10 14.77
C SER A 176 5.23 -8.83 14.37
N PHE A 177 4.75 -8.58 13.15
CA PHE A 177 3.51 -9.21 12.69
C PHE A 177 3.74 -10.22 11.56
N ALA A 178 5.00 -10.47 11.27
CA ALA A 178 5.40 -11.18 10.04
C ALA A 178 5.34 -12.67 10.25
N ASP A 179 5.14 -13.42 9.16
CA ASP A 179 5.31 -14.87 9.21
C ASP A 179 6.63 -15.13 8.53
N VAL A 180 7.69 -15.24 9.32
CA VAL A 180 9.04 -15.15 8.76
C VAL A 180 9.36 -16.35 7.85
N LYS A 181 8.87 -17.53 8.25
CA LYS A 181 9.08 -18.72 7.41
C LYS A 181 8.23 -18.70 6.13
N ALA A 182 7.00 -18.16 6.20
CA ALA A 182 6.16 -18.09 4.99
C ALA A 182 6.59 -16.99 4.02
N TYR A 183 7.22 -15.95 4.55
CA TYR A 183 7.56 -14.75 3.75
C TYR A 183 8.23 -15.12 2.40
N PRO A 184 9.33 -15.92 2.45
CA PRO A 184 9.94 -16.26 1.14
C PRO A 184 9.06 -17.17 0.29
N GLN A 185 8.23 -18.00 0.92
CA GLN A 185 7.28 -18.81 0.16
C GLN A 185 6.28 -17.93 -0.60
N THR A 186 5.85 -16.85 0.02
CA THR A 186 5.01 -15.88 -0.65
C THR A 186 5.70 -15.16 -1.81
N LEU A 187 6.94 -14.73 -1.59
CA LEU A 187 7.73 -14.13 -2.66
C LEU A 187 7.95 -15.12 -3.81
N GLU A 188 8.13 -16.40 -3.51
CA GLU A 188 8.28 -17.39 -4.58
C GLU A 188 6.96 -17.65 -5.31
N ARG A 189 5.84 -17.66 -4.57
CA ARG A 189 4.54 -17.72 -5.23
C ARG A 189 4.33 -16.53 -6.18
N LEU A 190 4.77 -15.34 -5.78
CA LEU A 190 4.71 -14.15 -6.63
C LEU A 190 5.56 -14.35 -7.88
N LYS A 191 6.80 -14.77 -7.68
CA LYS A 191 7.73 -14.93 -8.82
C LYS A 191 7.21 -15.97 -9.81
N ALA A 192 6.55 -16.99 -9.30
CA ALA A 192 6.00 -18.09 -10.12
C ALA A 192 4.85 -17.64 -11.03
N MET A 193 4.24 -16.50 -10.73
CA MET A 193 3.21 -15.94 -11.61
C MET A 193 3.79 -15.40 -12.92
N LYS A 194 5.10 -15.16 -12.94
CA LYS A 194 5.82 -14.70 -14.13
C LYS A 194 5.21 -13.41 -14.73
N LEU A 195 4.84 -12.50 -13.85
CA LEU A 195 4.33 -11.20 -14.28
C LEU A 195 5.45 -10.39 -14.92
N PRO A 196 5.21 -9.79 -16.09
CA PRO A 196 6.19 -8.88 -16.67
C PRO A 196 6.38 -7.70 -15.73
N ILE A 197 7.57 -7.56 -15.17
CA ILE A 197 7.86 -6.48 -14.23
C ILE A 197 9.12 -5.73 -14.63
N LYS A 198 8.96 -4.44 -14.90
CA LYS A 198 10.09 -3.54 -15.13
C LYS A 198 10.49 -2.82 -13.86
N THR A 199 9.51 -2.52 -13.02
CA THR A 199 9.67 -1.65 -11.87
C THR A 199 8.92 -2.23 -10.69
N VAL A 200 9.59 -2.26 -9.53
CA VAL A 200 8.94 -2.59 -8.27
C VAL A 200 9.03 -1.33 -7.41
N ILE A 201 7.91 -0.92 -6.81
CA ILE A 201 7.89 0.23 -5.93
C ILE A 201 7.91 -0.32 -4.51
N GLY A 202 9.01 -0.08 -3.81
CA GLY A 202 9.14 -0.51 -2.43
C GLY A 202 8.26 0.35 -1.56
N GLY A 203 7.64 -0.25 -0.55
CA GLY A 203 6.72 0.48 0.33
C GLY A 203 7.38 1.32 1.42
N HIS A 204 8.69 1.13 1.58
CA HIS A 204 9.52 1.92 2.49
C HIS A 204 10.86 2.08 1.82
N ASP A 205 11.71 2.94 2.40
CA ASP A 205 13.03 3.25 1.85
C ASP A 205 12.89 3.92 0.47
N SER A 206 13.92 3.88 -0.37
CA SER A 206 13.83 4.50 -1.71
C SER A 206 12.89 3.66 -2.58
N PRO A 207 11.84 4.29 -3.14
CA PRO A 207 10.80 3.50 -3.83
C PRO A 207 11.21 2.81 -5.12
N LEU A 208 12.03 3.49 -5.92
CA LEU A 208 12.26 3.04 -7.31
C LEU A 208 13.32 1.96 -7.39
N HIS A 209 12.82 0.69 -7.83
CA HIS A 209 13.65 -0.47 -8.00
C HIS A 209 13.21 -1.25 -9.21
N GLY A 210 14.07 -2.19 -9.62
CA GLY A 210 13.71 -3.19 -10.60
C GLY A 210 13.14 -4.43 -9.94
N PRO A 211 12.86 -5.47 -10.74
CA PRO A 211 12.31 -6.72 -10.22
C PRO A 211 13.21 -7.38 -9.19
N GLU A 212 14.50 -7.06 -9.20
CA GLU A 212 15.42 -7.66 -8.23
C GLU A 212 15.17 -7.28 -6.77
N LEU A 213 14.37 -6.24 -6.53
CA LEU A 213 13.97 -5.94 -5.15
C LEU A 213 13.29 -7.14 -4.49
N ILE A 214 12.57 -7.93 -5.27
CA ILE A 214 11.94 -9.14 -4.73
C ILE A 214 13.02 -10.09 -4.17
N ASP A 215 14.03 -10.34 -5.00
CA ASP A 215 15.18 -11.19 -4.64
C ASP A 215 15.98 -10.62 -3.48
N HIS A 216 16.18 -9.31 -3.53
CA HIS A 216 16.83 -8.58 -2.43
C HIS A 216 16.18 -8.86 -1.08
N TYR A 217 14.87 -8.60 -0.99
CA TYR A 217 14.20 -8.80 0.28
C TYR A 217 14.13 -10.28 0.67
N GLU A 218 13.93 -11.14 -0.32
CA GLU A 218 13.87 -12.58 -0.08
C GLU A 218 15.14 -13.07 0.62
N ALA A 219 16.29 -12.63 0.12
CA ALA A 219 17.56 -13.02 0.71
C ALA A 219 17.67 -12.49 2.15
N LEU A 220 17.26 -11.24 2.36
CA LEU A 220 17.27 -10.65 3.69
C LEU A 220 16.41 -11.41 4.71
N ILE A 221 15.18 -11.72 4.34
CA ILE A 221 14.23 -12.34 5.29
C ILE A 221 14.61 -13.78 5.56
N LYS A 222 15.30 -14.42 4.59
CA LYS A 222 15.78 -15.77 4.76
C LYS A 222 16.97 -15.84 5.73
N ALA A 223 17.67 -14.72 5.89
CA ALA A 223 18.73 -14.63 6.89
C ALA A 223 18.23 -14.14 8.26
N ALA A 224 16.96 -13.71 8.36
CA ALA A 224 16.46 -13.08 9.59
C ALA A 224 16.27 -14.08 10.75
N PRO A 225 16.24 -13.56 11.99
ZN ZN B . 4.99 -0.68 6.47
O42 PD2 C . 9.81 0.90 11.39
C41 PD2 C . 8.58 1.13 11.46
O41 PD2 C . 8.06 1.72 12.45
C4 PD2 C . 7.65 0.65 10.36
C5 PD2 C . 6.42 1.26 10.19
C6 PD2 C . 5.55 0.81 9.19
C3 PD2 C . 8.00 -0.42 9.53
C2 PD2 C . 7.11 -0.82 8.53
N1 PD2 C . 5.91 -0.20 8.40
C21 PD2 C . 7.43 -1.95 7.60
O21 PD2 C . 8.52 -2.58 7.75
O22 PD2 C . 6.60 -2.24 6.71
C1 GOL D . -2.69 -9.91 -12.49
O1 GOL D . -1.51 -10.05 -13.24
C2 GOL D . -2.50 -10.54 -11.12
O2 GOL D . -1.98 -11.84 -11.25
C3 GOL D . -3.79 -10.61 -10.31
O3 GOL D . -4.93 -10.33 -11.10
C1 GOL E . -14.00 -10.53 -4.77
O1 GOL E . -12.82 -10.77 -5.50
C2 GOL E . -15.14 -9.94 -5.59
O2 GOL E . -14.96 -8.58 -5.91
C3 GOL E . -16.40 -9.95 -4.78
O3 GOL E . -16.09 -10.05 -3.44
C1 GOL F . 16.84 -2.65 -7.65
O1 GOL F . 16.11 -3.50 -8.49
C2 GOL F . 17.76 -1.87 -8.53
O2 GOL F . 18.83 -2.71 -8.88
C3 GOL F . 18.29 -0.67 -7.74
O3 GOL F . 17.25 0.24 -7.44
#